data_3OGZ
#
_entry.id   3OGZ
#
_cell.length_a   107.392
_cell.length_b   123.196
_cell.length_c   61.342
_cell.angle_alpha   90.000
_cell.angle_beta   104.320
_cell.angle_gamma   90.000
#
_symmetry.space_group_name_H-M   'C 1 2 1'
#
loop_
_entity.id
_entity.type
_entity.pdbx_description
1 polymer 'UDP-sugar pyrophosphorylase'
2 non-polymer GLYCEROL
3 water water
#
_entity_poly.entity_id   1
_entity_poly.type   'polypeptide(L)'
_entity_poly.pdbx_seq_one_letter_code
;MTNPSNSNLQALREELCTPGLDQGHLFEGWPETVDECNERQIALLTDLYMFSNMYPGGVAQYIRNGHELLARESEEVDFA
ALEMPPLIFEAPSLHRRTAERTALENAGTAMLCKTVFVLVAGGLGERLGYSSIKVSLPVETATNTTYLAYYLRWAQRVGG
KEVPFVIMTSDDTHDRTLQLLRELQLEVPNLHVLKQGQVFCFADSAAHLALDETGKLLRKPHGHGDVHSLIYNATVKRDV
VPDSGDGTATAQPLVNDWLAAGYESIVFIQDTNAGATITIPISLALSAEHSLDMNFTCIPRVPKEPIGLLCRTKKNSGDP
WLVANVEYNVFAEVSRALNKDGGDEVSDPTGFSPFPGSVNTLVFKLSSYVDRLRESHGIVPEFINPKYSDETRRSFKKPA
RIESLMQDIALLFSEDDYRVGGTVFERFSYQPVKNSLEEAAGLVAQGNGAYCAATGEAAFYELQRRRLKAIGLPLFYSSQ
PEVTVAKDAFGVRLFPIIVLDTVCASSGSLDDLARVFPTPEKVHIDQHSTLIVEGRVIIESLELYGALTIRGPTDSMALP
HVVRNAVVRNAGWSVHAILSLCAGRDSRLSEVDRIRGFVLKKTAMAVMDCNTKGESEAGAPSGAADPAKL
;
_entity_poly.pdbx_strand_id   A
#
# COMPACT_ATOMS: atom_id res chain seq x y z
N ASN A 3 28.57 21.53 10.01
CA ASN A 3 29.15 20.21 10.19
C ASN A 3 30.34 19.94 9.28
N PRO A 4 30.16 20.11 7.96
CA PRO A 4 31.28 19.89 7.05
C PRO A 4 32.26 21.05 7.06
N SER A 5 33.56 20.75 7.07
CA SER A 5 34.59 21.79 7.08
C SER A 5 34.64 22.51 5.74
N ASN A 6 35.28 23.67 5.72
CA ASN A 6 35.39 24.46 4.49
C ASN A 6 36.18 23.74 3.41
N SER A 7 37.27 23.08 3.80
CA SER A 7 38.11 22.37 2.86
C SER A 7 37.35 21.19 2.25
N ASN A 8 36.45 20.59 3.01
CA ASN A 8 35.63 19.50 2.51
C ASN A 8 34.67 19.96 1.43
N LEU A 9 33.96 21.05 1.69
CA LEU A 9 33.07 21.64 0.70
C LEU A 9 33.85 22.06 -0.53
N GLN A 10 35.05 22.56 -0.31
CA GLN A 10 35.91 22.97 -1.42
C GLN A 10 36.37 21.75 -2.21
N ALA A 11 36.72 20.69 -1.50
CA ALA A 11 37.17 19.45 -2.14
C ALA A 11 36.05 18.85 -2.98
N LEU A 12 34.83 18.89 -2.46
CA LEU A 12 33.68 18.36 -3.18
C LEU A 12 33.38 19.20 -4.40
N ARG A 13 33.40 20.52 -4.24
CA ARG A 13 33.16 21.43 -5.36
C ARG A 13 34.10 21.15 -6.51
N GLU A 14 35.38 20.99 -6.21
CA GLU A 14 36.37 20.70 -7.24
C GLU A 14 36.12 19.34 -7.85
N GLU A 15 35.75 18.37 -7.01
CA GLU A 15 35.47 17.03 -7.52
C GLU A 15 34.33 17.05 -8.53
N LEU A 16 33.27 17.77 -8.20
CA LEU A 16 32.09 17.81 -9.04
C LEU A 16 32.32 18.52 -10.38
N CYS A 17 33.46 19.20 -10.50
CA CYS A 17 33.82 19.89 -11.74
C CYS A 17 34.69 19.08 -12.70
N THR A 18 35.08 17.88 -12.28
CA THR A 18 35.96 17.04 -13.08
C THR A 18 35.20 16.33 -14.21
N PRO A 19 35.92 15.99 -15.30
CA PRO A 19 35.31 15.28 -16.42
C PRO A 19 34.58 14.02 -15.95
N GLY A 20 33.37 13.80 -16.46
CA GLY A 20 32.58 12.64 -16.04
C GLY A 20 31.56 13.02 -14.98
N LEU A 21 31.77 14.17 -14.34
CA LEU A 21 30.82 14.69 -13.37
C LEU A 21 30.29 16.03 -13.86
N ASP A 22 31.22 16.93 -14.21
CA ASP A 22 30.88 18.11 -14.99
C ASP A 22 29.71 18.94 -14.45
N GLN A 23 29.76 19.29 -13.17
CA GLN A 23 28.69 20.09 -12.57
C GLN A 23 29.10 21.55 -12.41
N GLY A 24 29.96 22.02 -13.33
CA GLY A 24 30.44 23.39 -13.30
C GLY A 24 29.33 24.43 -13.28
N HIS A 25 28.25 24.15 -14.00
CA HIS A 25 27.12 25.07 -14.09
C HIS A 25 26.53 25.44 -12.73
N LEU A 26 26.90 24.68 -11.69
CA LEU A 26 26.38 24.93 -10.36
C LEU A 26 27.13 26.05 -9.65
N PHE A 27 28.33 26.35 -10.11
CA PHE A 27 29.16 27.35 -9.44
C PHE A 27 29.48 28.51 -10.39
N GLU A 28 28.62 28.69 -11.39
CA GLU A 28 28.79 29.74 -12.39
C GLU A 28 28.80 31.11 -11.72
N GLY A 29 29.92 31.80 -11.81
CA GLY A 29 30.03 33.14 -11.26
C GLY A 29 30.26 33.15 -9.76
N TRP A 30 30.78 32.06 -9.23
CA TRP A 30 31.11 31.98 -7.82
C TRP A 30 32.54 32.45 -7.57
N PRO A 31 32.81 32.91 -6.33
CA PRO A 31 34.17 33.24 -5.91
C PRO A 31 35.08 32.02 -5.99
N GLU A 32 36.38 32.22 -5.86
CA GLU A 32 37.34 31.12 -6.02
C GLU A 32 37.27 30.10 -4.89
N THR A 33 37.27 30.58 -3.64
CA THR A 33 37.29 29.68 -2.50
C THR A 33 36.08 29.84 -1.58
N VAL A 34 35.84 28.82 -0.76
CA VAL A 34 34.67 28.77 0.11
C VAL A 34 34.51 30.01 0.98
N ASP A 35 35.62 30.50 1.52
CA ASP A 35 35.59 31.63 2.44
C ASP A 35 34.94 32.86 1.81
N GLU A 36 35.13 33.00 0.51
CA GLU A 36 34.62 34.16 -0.23
C GLU A 36 33.15 34.00 -0.57
N CYS A 37 32.65 32.76 -0.53
CA CYS A 37 31.27 32.46 -0.92
C CYS A 37 30.28 32.98 0.11
N ASN A 38 29.12 33.43 -0.38
CA ASN A 38 28.08 33.95 0.50
C ASN A 38 27.29 32.83 1.19
N GLU A 39 26.22 33.22 1.88
CA GLU A 39 25.39 32.26 2.61
C GLU A 39 24.68 31.27 1.69
N ARG A 40 24.07 31.79 0.63
CA ARG A 40 23.31 30.95 -0.29
C ARG A 40 24.20 29.91 -0.95
N GLN A 41 25.38 30.34 -1.35
CA GLN A 41 26.35 29.45 -2.01
C GLN A 41 26.88 28.41 -1.04
N ILE A 42 27.18 28.82 0.18
CA ILE A 42 27.67 27.90 1.19
C ILE A 42 26.61 26.85 1.50
N ALA A 43 25.34 27.26 1.42
CA ALA A 43 24.22 26.36 1.69
C ALA A 43 24.07 25.33 0.60
N LEU A 44 24.33 25.72 -0.64
CA LEU A 44 24.19 24.80 -1.77
C LEU A 44 25.26 23.71 -1.73
N LEU A 45 26.49 24.10 -1.41
CA LEU A 45 27.59 23.16 -1.29
C LEU A 45 27.38 22.18 -0.14
N THR A 46 26.87 22.71 0.98
CA THR A 46 26.53 21.87 2.12
C THR A 46 25.41 20.89 1.76
N ASP A 47 24.43 21.37 0.99
CA ASP A 47 23.36 20.50 0.50
C ASP A 47 23.95 19.34 -0.29
N LEU A 48 24.85 19.67 -1.22
CA LEU A 48 25.52 18.65 -2.03
C LEU A 48 26.31 17.70 -1.15
N TYR A 49 27.03 18.26 -0.20
CA TYR A 49 27.88 17.47 0.69
C TYR A 49 27.09 16.51 1.57
N MET A 50 26.03 17.01 2.21
CA MET A 50 25.25 16.20 3.13
C MET A 50 24.51 15.06 2.43
N PHE A 51 24.43 15.11 1.10
CA PHE A 51 23.71 14.07 0.36
C PHE A 51 24.27 12.68 0.67
N SER A 52 25.54 12.64 1.08
CA SER A 52 26.22 11.37 1.37
C SER A 52 25.63 10.58 2.53
N ASN A 53 24.92 11.26 3.42
N ASN A 53 24.92 11.25 3.43
CA ASN A 53 24.29 10.60 4.55
CA ASN A 53 24.30 10.56 4.55
C ASN A 53 22.90 10.07 4.17
C ASN A 53 22.94 9.97 4.16
N MET A 54 22.57 10.19 2.90
CA MET A 54 21.25 9.85 2.40
C MET A 54 21.35 8.83 1.26
N TYR A 55 22.46 8.90 0.53
CA TYR A 55 22.64 8.10 -0.68
C TYR A 55 24.05 7.51 -0.70
N PRO A 56 24.17 6.22 -1.02
CA PRO A 56 25.49 5.58 -0.97
C PRO A 56 26.45 6.25 -1.96
N GLY A 57 27.53 6.84 -1.44
CA GLY A 57 28.53 7.46 -2.27
C GLY A 57 28.23 8.92 -2.53
N GLY A 58 27.17 9.42 -1.93
CA GLY A 58 26.81 10.82 -2.07
C GLY A 58 26.48 11.24 -3.48
N VAL A 59 26.59 12.53 -3.75
CA VAL A 59 26.16 13.12 -5.01
C VAL A 59 27.05 12.71 -6.19
N ALA A 60 28.34 12.49 -5.93
CA ALA A 60 29.24 12.03 -6.98
C ALA A 60 28.83 10.65 -7.49
N GLN A 61 28.57 9.73 -6.56
CA GLN A 61 28.11 8.40 -6.97
C GLN A 61 26.71 8.47 -7.57
N TYR A 62 25.91 9.43 -7.12
CA TYR A 62 24.57 9.61 -7.68
C TYR A 62 24.67 10.01 -9.16
N ILE A 63 25.63 10.88 -9.46
CA ILE A 63 25.82 11.31 -10.85
C ILE A 63 26.28 10.14 -11.72
N ARG A 64 27.22 9.34 -11.19
CA ARG A 64 27.73 8.20 -11.94
C ARG A 64 26.64 7.18 -12.22
N ASN A 65 25.81 6.90 -11.22
CA ASN A 65 24.73 5.95 -11.41
C ASN A 65 23.77 6.48 -12.47
N GLY A 66 23.56 7.80 -12.44
CA GLY A 66 22.74 8.46 -13.44
C GLY A 66 23.25 8.21 -14.85
N HIS A 67 24.56 8.38 -15.05
CA HIS A 67 25.14 8.11 -16.37
C HIS A 67 24.89 6.66 -16.76
N GLU A 68 25.14 5.75 -15.83
CA GLU A 68 24.95 4.33 -16.10
C GLU A 68 23.50 4.00 -16.44
N LEU A 69 22.56 4.55 -15.67
CA LEU A 69 21.14 4.27 -15.87
C LEU A 69 20.59 4.96 -17.11
N LEU A 70 21.02 6.19 -17.36
CA LEU A 70 20.57 6.93 -18.53
C LEU A 70 20.96 6.17 -19.79
N ALA A 71 22.18 5.64 -19.81
CA ALA A 71 22.59 4.77 -20.89
C ALA A 71 21.73 3.49 -20.91
N ARG A 72 21.60 2.84 -19.76
CA ARG A 72 20.81 1.62 -19.67
C ARG A 72 19.40 1.81 -20.23
N GLU A 73 18.73 2.88 -19.80
CA GLU A 73 17.34 3.11 -20.21
C GLU A 73 17.22 3.57 -21.68
N SER A 74 18.34 3.95 -22.29
CA SER A 74 18.33 4.28 -23.71
C SER A 74 18.31 3.00 -24.55
N GLU A 75 18.51 1.86 -23.89
CA GLU A 75 18.53 0.57 -24.57
C GLU A 75 17.19 -0.16 -24.42
N GLU A 76 17.03 -1.28 -25.12
CA GLU A 76 15.81 -2.08 -25.04
C GLU A 76 15.87 -3.07 -23.88
N VAL A 77 14.94 -2.96 -22.94
CA VAL A 77 14.85 -3.96 -21.88
C VAL A 77 14.44 -5.27 -22.52
N ASP A 78 15.25 -6.31 -22.31
CA ASP A 78 14.89 -7.64 -22.77
C ASP A 78 15.60 -8.69 -21.92
N PHE A 79 14.91 -9.81 -21.71
CA PHE A 79 15.49 -10.92 -20.99
C PHE A 79 15.79 -12.04 -21.97
N ALA A 80 16.67 -12.96 -21.59
CA ALA A 80 16.98 -14.10 -22.44
C ALA A 80 15.90 -15.17 -22.31
N ALA A 81 15.11 -15.09 -21.24
CA ALA A 81 14.07 -16.07 -20.98
C ALA A 81 12.99 -15.51 -20.06
N LEU A 82 11.75 -15.89 -20.33
CA LEU A 82 10.61 -15.43 -19.56
C LEU A 82 9.50 -16.47 -19.60
N GLU A 83 9.08 -16.94 -18.43
CA GLU A 83 8.04 -17.98 -18.35
C GLU A 83 7.33 -17.98 -17.00
N MET A 84 6.50 -19.00 -16.77
CA MET A 84 5.72 -19.11 -15.55
C MET A 84 6.61 -19.36 -14.34
N PRO A 85 6.32 -18.69 -13.22
CA PRO A 85 6.98 -19.04 -11.95
C PRO A 85 6.61 -20.46 -11.54
N PRO A 86 7.60 -21.26 -11.15
CA PRO A 86 7.37 -22.63 -10.71
C PRO A 86 6.50 -22.73 -9.46
N LEU A 87 6.57 -21.74 -8.58
CA LEU A 87 5.90 -21.82 -7.29
C LEU A 87 4.69 -20.87 -7.22
N ILE A 88 3.58 -21.31 -7.77
CA ILE A 88 2.36 -20.53 -7.74
C ILE A 88 1.27 -21.36 -7.06
N PHE A 89 0.57 -20.75 -6.13
CA PHE A 89 -0.42 -21.46 -5.32
C PHE A 89 -1.76 -20.73 -5.32
N GLU A 90 -2.83 -21.50 -5.51
CA GLU A 90 -4.18 -20.94 -5.51
C GLU A 90 -4.75 -20.93 -4.10
N ALA A 91 -5.15 -19.76 -3.64
CA ALA A 91 -5.83 -19.65 -2.35
C ALA A 91 -7.29 -20.07 -2.53
N PRO A 92 -7.86 -20.72 -1.50
CA PRO A 92 -9.30 -21.02 -1.58
C PRO A 92 -10.12 -19.74 -1.43
N SER A 93 -11.34 -19.74 -1.95
CA SER A 93 -12.22 -18.58 -1.89
C SER A 93 -12.37 -18.03 -0.48
N LEU A 94 -12.50 -16.72 -0.39
CA LEU A 94 -12.71 -16.06 0.90
C LEU A 94 -14.13 -16.18 1.39
N HIS A 95 -15.03 -16.67 0.54
CA HIS A 95 -16.44 -16.71 0.93
C HIS A 95 -17.01 -18.13 1.01
N ARG A 96 -16.13 -19.11 1.08
CA ARG A 96 -16.55 -20.50 1.29
C ARG A 96 -15.83 -21.07 2.51
N ARG A 97 -16.60 -21.38 3.55
CA ARG A 97 -16.01 -21.89 4.79
C ARG A 97 -15.70 -23.39 4.69
N THR A 98 -14.67 -23.73 3.92
CA THR A 98 -14.24 -25.11 3.74
C THR A 98 -13.23 -25.52 4.82
N ALA A 99 -13.00 -26.82 4.96
CA ALA A 99 -12.01 -27.30 5.91
C ALA A 99 -10.66 -26.67 5.61
N GLU A 100 -10.34 -26.56 4.32
CA GLU A 100 -9.07 -25.97 3.89
C GLU A 100 -8.99 -24.49 4.27
N ARG A 101 -10.04 -23.74 4.00
CA ARG A 101 -10.05 -22.32 4.31
C ARG A 101 -9.92 -22.11 5.82
N THR A 102 -10.63 -22.93 6.59
CA THR A 102 -10.58 -22.86 8.05
C THR A 102 -9.19 -23.15 8.57
N ALA A 103 -8.56 -24.18 8.01
CA ALA A 103 -7.21 -24.56 8.40
C ALA A 103 -6.17 -23.46 8.08
N LEU A 104 -6.28 -22.86 6.90
CA LEU A 104 -5.37 -21.78 6.52
C LEU A 104 -5.61 -20.50 7.35
N GLU A 105 -6.87 -20.12 7.57
CA GLU A 105 -7.14 -18.94 8.40
C GLU A 105 -6.63 -19.15 9.83
N ASN A 106 -6.81 -20.36 10.35
CA ASN A 106 -6.36 -20.70 11.70
C ASN A 106 -4.85 -20.58 11.84
N ALA A 107 -4.13 -21.32 11.00
CA ALA A 107 -2.68 -21.26 10.96
C ALA A 107 -2.18 -19.84 10.70
N GLY A 108 -2.79 -19.15 9.73
CA GLY A 108 -2.37 -17.81 9.36
C GLY A 108 -2.57 -16.81 10.49
N THR A 109 -3.69 -16.92 11.18
CA THR A 109 -4.02 -16.00 12.26
C THR A 109 -3.04 -16.15 13.43
N ALA A 110 -2.67 -17.39 13.73
CA ALA A 110 -1.68 -17.66 14.75
C ALA A 110 -0.33 -17.05 14.36
N MET A 111 -0.01 -17.12 13.07
CA MET A 111 1.24 -16.57 12.56
C MET A 111 1.25 -15.05 12.65
N LEU A 112 0.07 -14.43 12.66
CA LEU A 112 -0.01 -12.98 12.78
C LEU A 112 0.56 -12.49 14.11
N CYS A 113 0.62 -13.37 15.10
CA CYS A 113 1.18 -13.01 16.40
C CYS A 113 2.68 -12.71 16.32
N LYS A 114 3.33 -13.23 15.28
CA LYS A 114 4.76 -13.07 15.14
C LYS A 114 5.11 -12.37 13.83
N THR A 115 4.24 -11.44 13.42
CA THR A 115 4.43 -10.72 12.17
C THR A 115 4.75 -9.24 12.41
N VAL A 116 5.73 -8.75 11.67
CA VAL A 116 5.98 -7.32 11.61
C VAL A 116 5.21 -6.76 10.42
N PHE A 117 4.57 -5.60 10.60
CA PHE A 117 3.77 -5.00 9.54
C PHE A 117 4.39 -3.71 9.04
N VAL A 118 4.39 -3.53 7.72
CA VAL A 118 4.96 -2.33 7.13
C VAL A 118 3.96 -1.68 6.18
N LEU A 119 3.63 -0.43 6.45
CA LEU A 119 2.67 0.34 5.65
C LEU A 119 3.39 1.39 4.80
N VAL A 120 3.20 1.30 3.49
CA VAL A 120 3.79 2.24 2.55
C VAL A 120 2.81 3.37 2.30
N ALA A 121 3.13 4.56 2.82
CA ALA A 121 2.21 5.68 2.80
C ALA A 121 2.91 7.02 2.53
N GLY A 122 3.47 7.17 1.34
CA GLY A 122 4.18 8.38 0.99
C GLY A 122 3.44 9.28 0.04
N GLY A 123 2.17 8.98 -0.23
CA GLY A 123 1.42 9.70 -1.25
C GLY A 123 0.20 10.48 -0.80
N LEU A 124 0.03 11.68 -1.35
CA LEU A 124 -1.21 12.42 -1.23
C LEU A 124 -2.18 11.86 -2.28
N GLY A 125 -3.46 12.20 -2.18
CA GLY A 125 -4.46 11.65 -3.08
C GLY A 125 -4.87 12.60 -4.19
N GLU A 126 -3.96 13.48 -4.59
CA GLU A 126 -4.28 14.55 -5.54
C GLU A 126 -4.84 14.02 -6.86
N ARG A 127 -4.25 12.95 -7.38
CA ARG A 127 -4.73 12.34 -8.60
C ARG A 127 -6.20 11.89 -8.47
N LEU A 128 -6.58 11.44 -7.27
CA LEU A 128 -7.94 11.01 -6.96
C LEU A 128 -8.91 12.17 -6.86
N GLY A 129 -8.37 13.35 -6.54
CA GLY A 129 -9.18 14.52 -6.23
C GLY A 129 -9.21 14.81 -4.73
N TYR A 130 -8.23 14.27 -4.01
CA TYR A 130 -8.19 14.39 -2.55
C TYR A 130 -6.85 14.99 -2.12
N SER A 131 -6.87 16.15 -1.48
CA SER A 131 -5.62 16.88 -1.25
C SER A 131 -4.80 16.44 -0.03
N SER A 132 -5.32 15.51 0.76
N SER A 132 -5.31 15.56 0.83
CA SER A 132 -4.62 15.04 1.96
CA SER A 132 -4.52 15.10 1.97
C SER A 132 -3.95 13.69 1.75
C SER A 132 -3.93 13.72 1.75
N ILE A 133 -3.36 13.16 2.82
CA ILE A 133 -2.69 11.87 2.75
C ILE A 133 -3.68 10.72 2.50
N LYS A 134 -3.28 9.79 1.65
CA LYS A 134 -4.20 8.73 1.26
C LYS A 134 -4.68 7.89 2.44
N VAL A 135 -3.84 7.68 3.45
CA VAL A 135 -4.27 6.88 4.61
C VAL A 135 -5.33 7.59 5.47
N SER A 136 -5.59 8.87 5.20
CA SER A 136 -6.64 9.59 5.92
C SER A 136 -7.98 9.46 5.21
N LEU A 137 -7.98 8.79 4.06
CA LEU A 137 -9.23 8.48 3.37
C LEU A 137 -10.02 7.50 4.22
N PRO A 138 -11.35 7.65 4.24
CA PRO A 138 -12.15 6.63 4.95
C PRO A 138 -12.27 5.36 4.12
N VAL A 139 -12.21 4.21 4.79
CA VAL A 139 -12.43 2.93 4.14
C VAL A 139 -13.89 2.85 3.69
N GLU A 140 -14.78 3.43 4.49
CA GLU A 140 -16.20 3.53 4.16
C GLU A 140 -16.74 4.71 4.96
N THR A 141 -17.85 5.28 4.52
CA THR A 141 -18.36 6.52 5.13
C THR A 141 -19.45 6.27 6.17
N ALA A 142 -19.80 5.01 6.38
CA ALA A 142 -20.73 4.63 7.44
C ALA A 142 -20.12 4.94 8.80
N THR A 143 -18.88 4.51 9.01
CA THR A 143 -18.13 4.80 10.25
C THR A 143 -17.05 5.87 10.01
N ASN A 144 -16.70 6.08 8.74
CA ASN A 144 -15.60 7.00 8.39
C ASN A 144 -14.23 6.58 8.92
N THR A 145 -14.08 5.32 9.33
CA THR A 145 -12.80 4.79 9.78
C THR A 145 -11.73 5.00 8.68
N THR A 146 -10.63 5.68 9.03
CA THR A 146 -9.56 5.92 8.08
C THR A 146 -8.80 4.64 7.77
N TYR A 147 -8.17 4.59 6.61
CA TYR A 147 -7.29 3.48 6.27
C TYR A 147 -6.22 3.31 7.36
N LEU A 148 -5.67 4.41 7.85
CA LEU A 148 -4.64 4.33 8.88
C LEU A 148 -5.14 3.60 10.14
N ALA A 149 -6.28 4.03 10.68
CA ALA A 149 -6.85 3.39 11.87
C ALA A 149 -7.24 1.94 11.61
N TYR A 150 -7.80 1.70 10.43
CA TYR A 150 -8.19 0.37 10.01
C TYR A 150 -7.02 -0.63 10.05
N TYR A 151 -5.89 -0.27 9.45
CA TYR A 151 -4.72 -1.16 9.49
C TYR A 151 -4.15 -1.31 10.90
N LEU A 152 -4.03 -0.20 11.62
CA LEU A 152 -3.40 -0.21 12.95
C LEU A 152 -4.22 -0.96 14.01
N ARG A 153 -5.54 -0.76 14.00
CA ARG A 153 -6.38 -1.46 14.95
C ARG A 153 -6.39 -2.96 14.67
N TRP A 154 -6.43 -3.32 13.40
CA TRP A 154 -6.35 -4.74 13.02
C TRP A 154 -5.02 -5.34 13.45
N ALA A 155 -3.93 -4.63 13.17
CA ALA A 155 -2.61 -5.11 13.59
C ALA A 155 -2.49 -5.27 15.11
N GLN A 156 -2.99 -4.30 15.87
CA GLN A 156 -2.91 -4.40 17.33
C GLN A 156 -3.81 -5.52 17.86
N ARG A 157 -4.90 -5.77 17.15
CA ARG A 157 -5.81 -6.85 17.51
C ARG A 157 -5.13 -8.21 17.31
N VAL A 158 -4.55 -8.41 16.14
CA VAL A 158 -3.95 -9.72 15.80
C VAL A 158 -2.53 -9.91 16.35
N GLY A 159 -1.85 -8.81 16.68
CA GLY A 159 -0.49 -8.88 17.16
C GLY A 159 -0.32 -8.34 18.57
N GLY A 160 -1.41 -7.86 19.16
CA GLY A 160 -1.35 -7.27 20.49
C GLY A 160 -0.95 -5.81 20.42
N LYS A 161 -1.15 -5.10 21.52
CA LYS A 161 -0.87 -3.67 21.56
C LYS A 161 0.56 -3.33 21.16
N GLU A 162 1.49 -4.22 21.47
CA GLU A 162 2.92 -3.99 21.25
C GLU A 162 3.40 -4.41 19.87
N VAL A 163 2.46 -4.66 18.96
CA VAL A 163 2.80 -5.12 17.62
C VAL A 163 3.83 -4.20 16.93
N PRO A 164 4.87 -4.80 16.32
CA PRO A 164 5.85 -4.01 15.57
C PRO A 164 5.22 -3.47 14.29
N PHE A 165 5.26 -2.16 14.09
CA PHE A 165 4.60 -1.58 12.93
C PHE A 165 5.46 -0.45 12.38
N VAL A 166 5.61 -0.45 11.06
CA VAL A 166 6.39 0.59 10.40
C VAL A 166 5.51 1.33 9.42
N ILE A 167 5.59 2.66 9.42
CA ILE A 167 4.95 3.44 8.39
C ILE A 167 6.02 4.20 7.63
N MET A 168 6.11 3.99 6.33
CA MET A 168 6.99 4.80 5.52
C MET A 168 6.22 6.04 5.03
N THR A 169 6.77 7.21 5.32
CA THR A 169 6.19 8.47 4.91
C THR A 169 7.13 9.20 3.94
N SER A 170 6.70 10.37 3.49
CA SER A 170 7.52 11.22 2.64
C SER A 170 7.40 12.65 3.12
N ASP A 171 8.13 13.56 2.49
CA ASP A 171 7.98 14.98 2.83
C ASP A 171 6.53 15.43 2.68
N ASP A 172 5.81 14.87 1.71
CA ASP A 172 4.40 15.21 1.49
C ASP A 172 3.49 14.76 2.62
N THR A 173 3.75 13.58 3.19
CA THR A 173 2.80 12.98 4.13
C THR A 173 3.24 12.92 5.60
N HIS A 174 4.51 13.16 5.89
CA HIS A 174 5.05 12.86 7.22
C HIS A 174 4.37 13.62 8.36
N ASP A 175 4.42 14.94 8.31
CA ASP A 175 3.78 15.75 9.35
C ASP A 175 2.29 15.43 9.49
N ARG A 176 1.59 15.35 8.37
CA ARG A 176 0.16 15.08 8.39
C ARG A 176 -0.12 13.72 9.01
N THR A 177 0.77 12.75 8.77
CA THR A 177 0.61 11.43 9.36
C THR A 177 0.74 11.45 10.88
N LEU A 178 1.77 12.15 11.38
CA LEU A 178 1.95 12.27 12.83
C LEU A 178 0.75 13.00 13.45
N GLN A 179 0.26 14.04 12.77
CA GLN A 179 -0.97 14.73 13.16
C GLN A 179 -2.14 13.75 13.28
N LEU A 180 -2.37 12.96 12.24
CA LEU A 180 -3.49 12.01 12.24
C LEU A 180 -3.41 10.96 13.38
N LEU A 181 -2.23 10.41 13.60
CA LEU A 181 -2.02 9.47 14.71
C LEU A 181 -2.46 10.08 16.04
N ARG A 182 -2.05 11.32 16.28
N ARG A 182 -2.04 11.32 16.27
CA ARG A 182 -2.40 12.04 17.50
CA ARG A 182 -2.38 12.07 17.46
C ARG A 182 -3.90 12.32 17.56
C ARG A 182 -3.89 12.29 17.53
N GLU A 183 -4.44 12.84 16.46
CA GLU A 183 -5.86 13.16 16.39
C GLU A 183 -6.76 11.95 16.63
N LEU A 184 -6.36 10.79 16.10
CA LEU A 184 -7.16 9.59 16.25
C LEU A 184 -6.89 8.89 17.58
N GLN A 185 -6.00 9.48 18.37
CA GLN A 185 -5.64 8.94 19.68
C GLN A 185 -5.15 7.49 19.58
N LEU A 186 -4.52 7.16 18.46
CA LEU A 186 -3.91 5.85 18.27
C LEU A 186 -2.65 5.73 19.13
N GLU A 187 -2.58 4.68 19.93
CA GLU A 187 -1.45 4.46 20.82
C GLU A 187 -0.73 3.17 20.47
N VAL A 188 0.37 3.31 19.74
CA VAL A 188 1.07 2.17 19.18
C VAL A 188 2.53 2.19 19.61
N PRO A 189 2.83 1.54 20.74
CA PRO A 189 4.13 1.59 21.42
C PRO A 189 5.31 1.28 20.51
N ASN A 190 5.14 0.29 19.62
CA ASN A 190 6.25 -0.16 18.78
C ASN A 190 6.09 0.26 17.32
N LEU A 191 5.49 1.43 17.13
CA LEU A 191 5.34 2.03 15.82
C LEU A 191 6.61 2.81 15.48
N HIS A 192 7.05 2.70 14.24
CA HIS A 192 8.17 3.48 13.74
C HIS A 192 7.75 4.16 12.45
N VAL A 193 7.78 5.49 12.46
CA VAL A 193 7.46 6.26 11.27
C VAL A 193 8.77 6.69 10.64
N LEU A 194 9.04 6.14 9.46
CA LEU A 194 10.31 6.39 8.77
C LEU A 194 10.04 7.21 7.51
N LYS A 195 10.68 8.37 7.43
CA LYS A 195 10.41 9.29 6.33
C LYS A 195 11.45 9.13 5.24
N GLN A 196 10.99 8.86 4.02
CA GLN A 196 11.94 8.77 2.90
C GLN A 196 12.55 10.13 2.55
N GLY A 197 13.79 10.09 2.07
CA GLY A 197 14.46 11.31 1.64
C GLY A 197 14.41 11.45 0.14
N GLN A 198 14.14 12.66 -0.34
CA GLN A 198 14.09 12.91 -1.77
C GLN A 198 15.50 13.01 -2.34
N VAL A 199 15.64 12.70 -3.62
CA VAL A 199 16.95 12.70 -4.26
C VAL A 199 17.06 13.81 -5.29
N PHE A 200 18.29 14.13 -5.67
CA PHE A 200 18.54 15.17 -6.66
C PHE A 200 18.01 14.77 -8.03
N CYS A 201 17.93 15.74 -8.93
CA CYS A 201 17.33 15.51 -10.24
C CYS A 201 18.28 15.89 -11.36
N PHE A 202 18.08 15.28 -12.52
CA PHE A 202 18.89 15.58 -13.70
C PHE A 202 18.09 16.43 -14.69
N ALA A 203 18.67 17.56 -15.08
CA ALA A 203 18.03 18.47 -16.02
C ALA A 203 18.12 17.94 -17.44
N ASP A 204 19.11 17.09 -17.70
CA ASP A 204 19.36 16.62 -19.05
C ASP A 204 19.97 15.23 -19.12
N SER A 205 20.16 14.75 -20.34
CA SER A 205 20.65 13.41 -20.62
C SER A 205 22.12 13.21 -20.25
N ALA A 206 22.79 14.29 -19.85
CA ALA A 206 24.19 14.20 -19.45
C ALA A 206 24.31 14.27 -17.94
N ALA A 207 23.16 14.15 -17.27
CA ALA A 207 23.12 14.10 -15.80
C ALA A 207 23.61 15.39 -15.13
N HIS A 208 23.38 16.54 -15.76
CA HIS A 208 23.64 17.81 -15.10
C HIS A 208 22.53 18.03 -14.08
N LEU A 209 22.90 18.41 -12.86
CA LEU A 209 21.91 18.52 -11.78
C LEU A 209 20.96 19.70 -11.98
N ALA A 210 19.71 19.50 -11.62
CA ALA A 210 18.67 20.50 -11.84
C ALA A 210 18.51 21.43 -10.64
N LEU A 211 18.13 22.68 -10.90
CA LEU A 211 17.83 23.63 -9.84
C LEU A 211 16.35 24.01 -9.89
N ASP A 212 15.79 24.37 -8.73
CA ASP A 212 14.40 24.79 -8.68
C ASP A 212 14.24 26.27 -8.98
N GLU A 213 13.04 26.78 -8.76
CA GLU A 213 12.68 28.16 -9.06
C GLU A 213 13.46 29.19 -8.23
N THR A 214 14.10 28.73 -7.17
CA THR A 214 14.78 29.63 -6.24
C THR A 214 16.29 29.48 -6.25
N GLY A 215 16.81 28.67 -7.17
CA GLY A 215 18.24 28.49 -7.28
C GLY A 215 18.79 27.40 -6.36
N LYS A 216 17.90 26.58 -5.82
CA LYS A 216 18.30 25.47 -4.96
C LYS A 216 18.20 24.15 -5.71
N LEU A 217 18.99 23.17 -5.29
CA LEU A 217 18.99 21.86 -5.93
C LEU A 217 17.60 21.22 -5.87
N LEU A 218 17.11 20.80 -7.02
CA LEU A 218 15.79 20.21 -7.13
C LEU A 218 15.76 18.81 -6.49
N ARG A 219 14.63 18.45 -5.91
CA ARG A 219 14.47 17.15 -5.25
C ARG A 219 13.20 16.45 -5.70
N LYS A 220 13.29 15.15 -5.93
CA LYS A 220 12.11 14.35 -6.24
C LYS A 220 12.19 13.00 -5.53
N PRO A 221 11.04 12.30 -5.42
CA PRO A 221 11.00 11.00 -4.74
C PRO A 221 11.86 9.94 -5.41
N HIS A 222 12.50 9.12 -4.59
CA HIS A 222 13.37 8.04 -5.05
C HIS A 222 12.61 6.72 -5.24
N GLY A 223 11.32 6.72 -4.90
CA GLY A 223 10.49 5.54 -5.05
C GLY A 223 10.37 4.75 -3.76
N HIS A 224 9.42 3.82 -3.74
CA HIS A 224 9.13 3.07 -2.53
C HIS A 224 10.17 2.01 -2.19
N GLY A 225 11.12 1.80 -3.09
CA GLY A 225 12.27 0.96 -2.79
C GLY A 225 13.01 1.47 -1.55
N ASP A 226 12.83 2.74 -1.25
CA ASP A 226 13.39 3.36 -0.05
C ASP A 226 13.00 2.63 1.23
N VAL A 227 11.85 1.95 1.23
CA VAL A 227 11.37 1.29 2.43
C VAL A 227 12.44 0.34 3.00
N HIS A 228 13.14 -0.36 2.12
CA HIS A 228 14.10 -1.37 2.58
C HIS A 228 15.35 -0.76 3.21
N SER A 229 15.82 0.35 2.65
CA SER A 229 17.01 1.01 3.19
C SER A 229 16.66 1.78 4.46
N LEU A 230 15.45 2.34 4.51
CA LEU A 230 14.95 2.97 5.72
C LEU A 230 14.93 1.96 6.87
N ILE A 231 14.41 0.77 6.59
CA ILE A 231 14.35 -0.29 7.59
C ILE A 231 15.76 -0.73 8.00
N TYR A 232 16.61 -1.00 7.01
CA TYR A 232 17.97 -1.44 7.28
C TYR A 232 18.75 -0.48 8.19
N ASN A 233 18.50 0.82 8.03
CA ASN A 233 19.23 1.83 8.79
C ASN A 233 18.54 2.26 10.09
N ALA A 234 17.34 1.73 10.33
CA ALA A 234 16.59 2.11 11.51
C ALA A 234 17.13 1.43 12.77
N THR A 235 17.08 2.14 13.89
CA THR A 235 17.54 1.61 15.17
C THR A 235 16.51 1.81 16.27
N VAL A 236 16.71 1.12 17.38
CA VAL A 236 15.83 1.22 18.52
C VAL A 236 16.40 2.17 19.57
N ALA A 251 21.15 1.43 20.32
CA ALA A 251 22.25 1.24 19.37
C ALA A 251 22.01 0.02 18.49
N GLN A 252 20.89 -0.66 18.71
CA GLN A 252 20.58 -1.89 18.00
C GLN A 252 19.79 -1.62 16.72
N PRO A 253 20.12 -2.34 15.63
CA PRO A 253 19.30 -2.25 14.43
C PRO A 253 17.87 -2.68 14.72
N LEU A 254 16.90 -2.02 14.09
CA LEU A 254 15.51 -2.34 14.29
C LEU A 254 15.22 -3.83 14.04
N VAL A 255 15.76 -4.36 12.95
CA VAL A 255 15.51 -5.76 12.58
C VAL A 255 16.08 -6.75 13.59
N ASN A 256 17.22 -6.42 14.17
CA ASN A 256 17.82 -7.27 15.20
C ASN A 256 16.87 -7.40 16.39
N ASP A 257 16.25 -6.29 16.76
CA ASP A 257 15.27 -6.28 17.83
C ASP A 257 14.09 -7.19 17.48
N TRP A 258 13.58 -7.09 16.26
CA TRP A 258 12.49 -7.95 15.82
C TRP A 258 12.86 -9.42 15.93
N LEU A 259 14.02 -9.77 15.38
CA LEU A 259 14.46 -11.15 15.41
C LEU A 259 14.59 -11.66 16.84
N ALA A 260 15.17 -10.84 17.70
CA ALA A 260 15.40 -11.23 19.09
C ALA A 260 14.10 -11.43 19.86
N ALA A 261 13.05 -10.73 19.47
CA ALA A 261 11.76 -10.86 20.13
C ALA A 261 10.96 -12.04 19.57
N GLY A 262 11.58 -12.82 18.70
CA GLY A 262 10.94 -14.00 18.15
C GLY A 262 10.01 -13.77 16.97
N TYR A 263 10.08 -12.60 16.34
CA TYR A 263 9.25 -12.36 15.15
C TYR A 263 9.77 -13.17 13.97
N GLU A 264 8.85 -13.65 13.14
CA GLU A 264 9.21 -14.63 12.12
C GLU A 264 8.75 -14.25 10.72
N SER A 265 7.84 -13.30 10.63
CA SER A 265 7.37 -12.82 9.33
C SER A 265 7.34 -11.30 9.25
N ILE A 266 7.40 -10.79 8.03
CA ILE A 266 7.19 -9.38 7.78
C ILE A 266 6.36 -9.21 6.52
N VAL A 267 5.40 -8.30 6.58
N VAL A 267 5.37 -8.33 6.59
CA VAL A 267 4.45 -8.09 5.49
CA VAL A 267 4.48 -8.10 5.46
C VAL A 267 4.43 -6.60 5.12
C VAL A 267 4.42 -6.61 5.11
N PHE A 268 4.43 -6.32 3.82
CA PHE A 268 4.37 -4.95 3.32
C PHE A 268 3.02 -4.73 2.65
N ILE A 269 2.34 -3.65 3.02
CA ILE A 269 1.00 -3.37 2.50
C ILE A 269 0.93 -1.98 1.89
N GLN A 270 0.05 -1.80 0.92
CA GLN A 270 -0.15 -0.51 0.27
C GLN A 270 -1.18 0.34 1.04
N ASP A 271 -1.29 1.61 0.67
CA ASP A 271 -2.05 2.56 1.50
C ASP A 271 -3.59 2.45 1.47
N THR A 272 -4.18 2.04 0.35
CA THR A 272 -5.64 2.06 0.27
C THR A 272 -6.29 0.77 -0.23
N ASN A 273 -5.76 -0.37 0.20
CA ASN A 273 -6.34 -1.65 -0.17
C ASN A 273 -6.76 -2.43 1.08
N ALA A 274 -8.03 -2.29 1.45
CA ALA A 274 -8.52 -2.90 2.69
C ALA A 274 -8.47 -4.42 2.62
N GLY A 275 -8.37 -4.95 1.40
CA GLY A 275 -8.41 -6.39 1.18
C GLY A 275 -7.25 -7.14 1.82
N ALA A 276 -6.17 -6.42 2.13
CA ALA A 276 -4.97 -7.04 2.68
C ALA A 276 -5.24 -7.82 3.97
N THR A 277 -6.16 -7.32 4.82
CA THR A 277 -6.40 -7.96 6.10
C THR A 277 -7.07 -9.32 5.90
N ILE A 278 -7.58 -9.56 4.70
CA ILE A 278 -8.15 -10.86 4.36
C ILE A 278 -7.14 -11.78 3.70
N THR A 279 -6.27 -11.23 2.85
CA THR A 279 -5.32 -12.07 2.13
C THR A 279 -4.11 -12.48 2.98
N ILE A 280 -3.66 -11.59 3.85
CA ILE A 280 -2.43 -11.80 4.62
C ILE A 280 -2.39 -13.12 5.42
N PRO A 281 -3.43 -13.41 6.22
CA PRO A 281 -3.39 -14.67 6.98
C PRO A 281 -3.24 -15.88 6.06
N ILE A 282 -3.95 -15.88 4.93
CA ILE A 282 -3.82 -16.99 3.98
C ILE A 282 -2.40 -17.09 3.42
N SER A 283 -1.82 -15.95 3.04
CA SER A 283 -0.46 -15.93 2.49
C SER A 283 0.54 -16.47 3.50
N LEU A 284 0.39 -16.06 4.76
CA LEU A 284 1.28 -16.54 5.80
C LEU A 284 1.18 -18.06 5.94
N ALA A 285 -0.05 -18.56 5.97
CA ALA A 285 -0.28 -19.99 6.12
C ALA A 285 0.37 -20.75 4.98
N LEU A 286 0.19 -20.23 3.75
CA LEU A 286 0.74 -20.89 2.58
C LEU A 286 2.26 -20.73 2.46
N SER A 287 2.79 -19.61 2.96
CA SER A 287 4.24 -19.43 2.96
C SER A 287 4.89 -20.47 3.86
N ALA A 288 4.22 -20.80 4.97
CA ALA A 288 4.72 -21.82 5.89
C ALA A 288 4.57 -23.22 5.30
N GLU A 289 3.43 -23.49 4.68
CA GLU A 289 3.17 -24.81 4.12
C GLU A 289 4.11 -25.12 2.96
N HIS A 290 4.48 -24.09 2.20
CA HIS A 290 5.29 -24.30 1.01
C HIS A 290 6.69 -23.70 1.17
N SER A 291 7.03 -23.35 2.41
CA SER A 291 8.37 -22.85 2.72
C SER A 291 8.81 -21.77 1.74
N LEU A 292 8.04 -20.68 1.67
CA LEU A 292 8.36 -19.57 0.79
C LEU A 292 9.10 -18.47 1.54
N ASP A 293 10.21 -18.01 0.99
CA ASP A 293 10.97 -16.92 1.60
C ASP A 293 10.35 -15.59 1.22
N MET A 294 9.85 -15.52 -0.02
CA MET A 294 9.07 -14.38 -0.47
C MET A 294 7.81 -14.86 -1.17
N ASN A 295 6.69 -14.22 -0.87
CA ASN A 295 5.39 -14.63 -1.36
C ASN A 295 4.63 -13.42 -1.88
N PHE A 296 4.52 -13.30 -3.20
CA PHE A 296 3.76 -12.23 -3.84
C PHE A 296 2.26 -12.48 -3.75
N THR A 297 1.51 -11.50 -3.26
CA THR A 297 0.05 -11.61 -3.30
C THR A 297 -0.44 -11.27 -4.70
N CYS A 298 -1.15 -12.21 -5.32
CA CYS A 298 -1.56 -12.03 -6.70
C CYS A 298 -3.05 -12.18 -6.91
N ILE A 299 -3.50 -11.71 -8.08
CA ILE A 299 -4.83 -11.97 -8.59
C ILE A 299 -4.72 -12.37 -10.06
N PRO A 300 -5.70 -13.12 -10.58
CA PRO A 300 -5.70 -13.40 -12.02
C PRO A 300 -5.89 -12.11 -12.78
N ARG A 301 -5.09 -11.89 -13.80
CA ARG A 301 -5.19 -10.65 -14.57
C ARG A 301 -5.61 -10.93 -16.00
N VAL A 302 -6.43 -10.04 -16.55
CA VAL A 302 -6.70 -10.05 -17.98
C VAL A 302 -5.62 -9.25 -18.69
N PRO A 303 -5.29 -9.62 -19.94
CA PRO A 303 -4.20 -9.02 -20.72
C PRO A 303 -4.33 -7.50 -20.89
N LYS A 304 -5.30 -6.87 -20.23
CA LYS A 304 -5.52 -5.44 -20.35
C LYS A 304 -5.54 -4.77 -18.97
N GLU A 305 -4.39 -4.72 -18.31
CA GLU A 305 -4.33 -4.16 -16.95
C GLU A 305 -3.03 -3.46 -16.61
N PRO A 306 -3.12 -2.37 -15.83
CA PRO A 306 -1.97 -1.63 -15.30
C PRO A 306 -1.41 -2.23 -14.01
N ILE A 307 -1.33 -3.56 -13.95
CA ILE A 307 -0.59 -4.22 -12.88
C ILE A 307 0.45 -5.17 -13.47
N GLY A 308 1.56 -5.32 -12.78
CA GLY A 308 2.66 -6.15 -13.23
C GLY A 308 2.37 -7.64 -13.15
N LEU A 309 3.13 -8.40 -13.93
CA LEU A 309 3.00 -9.85 -13.96
C LEU A 309 4.11 -10.47 -13.12
N LEU A 310 3.77 -11.53 -12.39
CA LEU A 310 4.78 -12.31 -11.70
C LEU A 310 5.38 -13.31 -12.69
N CYS A 311 6.64 -13.11 -13.04
CA CYS A 311 7.27 -13.93 -14.07
C CYS A 311 8.54 -14.59 -13.55
N ARG A 312 8.88 -15.74 -14.13
CA ARG A 312 10.21 -16.31 -13.96
C ARG A 312 11.08 -15.72 -15.07
N THR A 313 12.19 -15.10 -14.69
CA THR A 313 12.97 -14.34 -15.67
C THR A 313 14.46 -14.71 -15.64
N LYS A 314 15.12 -14.46 -16.74
CA LYS A 314 16.55 -14.73 -16.88
C LYS A 314 17.11 -13.64 -17.78
N LYS A 315 17.79 -12.67 -17.17
CA LYS A 315 18.27 -11.50 -17.91
C LYS A 315 19.14 -11.87 -19.11
N ASN A 316 20.23 -12.57 -18.85
CA ASN A 316 21.12 -13.03 -19.93
C ASN A 316 21.16 -14.55 -20.03
N SER A 317 21.54 -15.05 -21.19
CA SER A 317 21.50 -16.49 -21.45
C SER A 317 22.20 -17.33 -20.38
N GLY A 318 23.24 -16.78 -19.77
CA GLY A 318 23.97 -17.48 -18.73
C GLY A 318 23.37 -17.36 -17.33
N ASP A 319 22.60 -16.30 -17.12
CA ASP A 319 22.05 -16.00 -15.78
C ASP A 319 21.14 -17.10 -15.24
N PRO A 320 21.06 -17.20 -13.90
CA PRO A 320 20.10 -18.08 -13.24
C PRO A 320 18.70 -17.50 -13.32
N TRP A 321 17.71 -18.25 -12.87
CA TRP A 321 16.34 -17.75 -12.86
C TRP A 321 16.11 -16.80 -11.71
N LEU A 322 15.34 -15.75 -11.96
CA LEU A 322 14.85 -14.88 -10.91
C LEU A 322 13.33 -14.77 -11.04
N VAL A 323 12.64 -14.81 -9.90
CA VAL A 323 11.20 -14.59 -9.90
C VAL A 323 10.91 -13.17 -9.45
N ALA A 324 10.35 -12.36 -10.35
CA ALA A 324 10.10 -10.96 -10.04
C ALA A 324 8.84 -10.43 -10.73
N ASN A 325 8.41 -9.26 -10.29
CA ASN A 325 7.32 -8.52 -10.93
C ASN A 325 7.83 -7.85 -12.21
N VAL A 326 7.12 -8.04 -13.31
CA VAL A 326 7.48 -7.44 -14.60
C VAL A 326 6.29 -6.68 -15.17
N GLU A 327 6.48 -5.42 -15.53
CA GLU A 327 5.39 -4.62 -16.08
C GLU A 327 4.92 -5.13 -17.43
N TYR A 328 3.63 -4.95 -17.69
CA TYR A 328 2.99 -5.37 -18.92
C TYR A 328 3.80 -4.98 -20.16
N ASN A 329 3.95 -3.67 -20.37
CA ASN A 329 4.71 -3.16 -21.51
C ASN A 329 5.98 -3.97 -21.73
N VAL A 330 6.83 -4.04 -20.70
CA VAL A 330 8.05 -4.82 -20.78
C VAL A 330 7.76 -6.26 -21.20
N PHE A 331 6.81 -6.89 -20.53
CA PHE A 331 6.46 -8.28 -20.82
C PHE A 331 6.14 -8.51 -22.30
N ALA A 332 5.20 -7.74 -22.82
CA ALA A 332 4.83 -7.83 -24.24
C ALA A 332 6.06 -7.69 -25.12
N GLU A 333 6.79 -6.59 -24.93
CA GLU A 333 7.97 -6.32 -25.74
C GLU A 333 9.00 -7.46 -25.72
N VAL A 334 9.13 -8.11 -24.56
CA VAL A 334 10.10 -9.20 -24.42
C VAL A 334 9.63 -10.48 -25.10
N SER A 335 8.31 -10.68 -25.13
CA SER A 335 7.74 -11.85 -25.77
C SER A 335 8.12 -11.92 -27.25
N ARG A 336 7.82 -10.85 -27.98
CA ARG A 336 8.11 -10.77 -29.40
C ARG A 336 9.60 -10.99 -29.67
N ALA A 337 10.43 -10.17 -29.04
CA ALA A 337 11.87 -10.23 -29.24
C ALA A 337 12.40 -11.64 -29.02
N LEU A 338 11.70 -12.43 -28.22
CA LEU A 338 12.09 -13.81 -27.95
C LEU A 338 10.90 -14.75 -27.99
N GLY A 351 -10.09 -16.54 -18.88
CA GLY A 351 -9.81 -15.47 -19.82
C GLY A 351 -8.67 -14.59 -19.35
N PHE A 352 -7.91 -15.09 -18.39
CA PHE A 352 -6.77 -14.36 -17.84
C PHE A 352 -5.46 -14.87 -18.42
N SER A 353 -4.40 -14.09 -18.27
CA SER A 353 -3.07 -14.53 -18.65
C SER A 353 -2.73 -15.78 -17.86
N PRO A 354 -1.74 -16.55 -18.33
CA PRO A 354 -1.25 -17.65 -17.51
C PRO A 354 -0.50 -17.08 -16.30
N PHE A 355 -0.05 -15.84 -16.45
CA PHE A 355 0.76 -15.16 -15.43
C PHE A 355 -0.09 -14.32 -14.50
N PRO A 356 0.05 -14.55 -13.19
CA PRO A 356 -0.72 -13.78 -12.20
C PRO A 356 -0.24 -12.33 -12.12
N GLY A 357 -1.12 -11.44 -11.67
CA GLY A 357 -0.76 -10.05 -11.47
C GLY A 357 -0.49 -9.77 -9.99
N SER A 358 0.57 -9.02 -9.72
CA SER A 358 0.98 -8.72 -8.35
C SER A 358 0.26 -7.49 -7.81
N VAL A 359 -0.34 -7.61 -6.64
CA VAL A 359 -1.04 -6.47 -6.04
C VAL A 359 -0.14 -5.68 -5.09
N ASN A 360 1.10 -6.14 -4.93
CA ASN A 360 2.08 -5.48 -4.06
C ASN A 360 1.72 -5.54 -2.58
N THR A 361 1.17 -6.67 -2.16
CA THR A 361 1.17 -7.04 -0.75
C THR A 361 2.24 -8.12 -0.66
N LEU A 362 3.35 -7.82 0.01
CA LEU A 362 4.51 -8.71 0.00
C LEU A 362 4.67 -9.41 1.35
N VAL A 363 4.80 -10.73 1.33
CA VAL A 363 4.91 -11.50 2.56
C VAL A 363 6.26 -12.22 2.62
N PHE A 364 7.03 -11.96 3.66
CA PHE A 364 8.38 -12.53 3.78
C PHE A 364 8.56 -13.38 5.04
N LYS A 365 9.39 -14.40 4.92
CA LYS A 365 9.99 -15.03 6.08
C LYS A 365 11.01 -14.02 6.59
N LEU A 366 10.88 -13.62 7.85
CA LEU A 366 11.68 -12.51 8.37
C LEU A 366 13.20 -12.74 8.31
N SER A 367 13.65 -13.94 8.68
CA SER A 367 15.07 -14.22 8.72
C SER A 367 15.70 -14.08 7.33
N SER A 368 14.98 -14.54 6.31
CA SER A 368 15.44 -14.44 4.93
C SER A 368 15.48 -12.98 4.50
N TYR A 369 14.41 -12.26 4.81
CA TYR A 369 14.33 -10.85 4.46
C TYR A 369 15.52 -10.11 5.06
N VAL A 370 15.81 -10.39 6.32
CA VAL A 370 16.89 -9.71 7.02
C VAL A 370 18.26 -10.06 6.42
N ASP A 371 18.45 -11.33 6.08
CA ASP A 371 19.71 -11.74 5.45
C ASP A 371 19.95 -11.00 4.13
N ARG A 372 18.91 -10.90 3.31
CA ARG A 372 19.03 -10.17 2.05
C ARG A 372 19.25 -8.70 2.34
N LEU A 373 18.58 -8.18 3.36
CA LEU A 373 18.71 -6.79 3.74
C LEU A 373 20.15 -6.47 4.13
N ARG A 374 20.74 -7.32 4.96
CA ARG A 374 22.08 -7.07 5.48
C ARG A 374 23.15 -7.16 4.39
N GLU A 375 22.94 -8.05 3.43
CA GLU A 375 23.86 -8.22 2.33
C GLU A 375 23.85 -7.02 1.39
N SER A 376 22.70 -6.36 1.28
CA SER A 376 22.54 -5.29 0.32
C SER A 376 22.48 -3.91 0.95
N HIS A 377 22.43 -3.86 2.28
CA HIS A 377 22.25 -2.59 2.98
C HIS A 377 20.88 -1.98 2.62
N GLY A 378 19.95 -2.84 2.23
CA GLY A 378 18.62 -2.39 1.85
C GLY A 378 18.55 -1.69 0.51
N ILE A 379 19.62 -1.82 -0.29
CA ILE A 379 19.69 -1.21 -1.62
C ILE A 379 19.15 -2.17 -2.67
N VAL A 380 18.10 -1.77 -3.38
CA VAL A 380 17.59 -2.62 -4.45
C VAL A 380 18.00 -2.01 -5.78
N PRO A 381 18.02 -2.83 -6.84
CA PRO A 381 18.46 -2.30 -8.15
C PRO A 381 17.67 -1.05 -8.49
N GLU A 382 18.32 -0.06 -9.08
CA GLU A 382 17.68 1.20 -9.43
C GLU A 382 17.41 1.32 -10.92
N PHE A 383 16.66 2.35 -11.29
CA PHE A 383 16.39 2.67 -12.69
C PHE A 383 16.07 4.16 -12.83
N ILE A 384 15.98 4.62 -14.08
CA ILE A 384 15.52 5.97 -14.34
C ILE A 384 14.55 5.96 -15.50
N ASN A 385 13.57 6.85 -15.46
CA ASN A 385 12.52 6.87 -16.47
C ASN A 385 12.13 8.30 -16.84
N PRO A 386 12.98 8.98 -17.62
CA PRO A 386 12.74 10.38 -17.98
C PRO A 386 11.51 10.56 -18.86
N LYS A 387 10.76 11.64 -18.62
CA LYS A 387 9.67 12.02 -19.52
C LYS A 387 10.19 13.05 -20.51
N TYR A 388 10.17 12.70 -21.80
CA TYR A 388 10.75 13.56 -22.84
C TYR A 388 9.74 14.54 -23.45
N SER A 389 10.26 15.61 -24.05
CA SER A 389 9.44 16.60 -24.73
C SER A 389 8.86 16.01 -26.01
N ASP A 390 9.73 15.49 -26.85
CA ASP A 390 9.33 14.93 -28.14
C ASP A 390 9.60 13.43 -28.17
N GLU A 391 9.59 12.87 -29.38
CA GLU A 391 9.88 11.47 -29.57
C GLU A 391 11.29 11.28 -30.13
N THR A 392 12.04 12.38 -30.24
CA THR A 392 13.35 12.33 -30.86
C THR A 392 14.41 13.19 -30.17
N ARG A 393 14.12 14.47 -30.01
CA ARG A 393 15.13 15.44 -29.55
C ARG A 393 15.80 15.08 -28.23
N ARG A 394 15.17 14.22 -27.44
CA ARG A 394 15.76 13.72 -26.21
C ARG A 394 15.94 14.79 -25.13
N SER A 395 15.07 15.79 -25.14
CA SER A 395 15.06 16.81 -24.09
C SER A 395 13.99 16.46 -23.05
N PHE A 396 14.30 16.68 -21.78
CA PHE A 396 13.39 16.32 -20.69
C PHE A 396 12.20 17.29 -20.58
N LYS A 397 10.98 16.75 -20.52
CA LYS A 397 9.81 17.57 -20.26
C LYS A 397 9.94 18.19 -18.87
N LYS A 398 10.44 17.39 -17.93
CA LYS A 398 10.77 17.85 -16.59
C LYS A 398 12.00 17.09 -16.10
N PRO A 399 12.70 17.64 -15.10
CA PRO A 399 13.90 16.97 -14.59
C PRO A 399 13.61 15.55 -14.14
N ALA A 400 14.53 14.63 -14.42
CA ALA A 400 14.36 13.23 -14.05
C ALA A 400 15.18 12.89 -12.82
N ARG A 401 14.84 11.78 -12.17
CA ARG A 401 15.60 11.35 -11.01
C ARG A 401 15.67 9.83 -10.97
N ILE A 402 16.64 9.31 -10.22
CA ILE A 402 16.77 7.87 -10.07
C ILE A 402 15.69 7.32 -9.14
N GLU A 403 15.14 6.17 -9.49
CA GLU A 403 14.08 5.54 -8.72
C GLU A 403 14.37 4.08 -8.42
N SER A 404 13.60 3.51 -7.51
CA SER A 404 13.65 2.10 -7.16
C SER A 404 12.28 1.66 -6.65
N LEU A 405 11.97 0.39 -6.81
CA LEU A 405 10.66 -0.13 -6.45
C LEU A 405 10.78 -1.12 -5.29
N MET A 406 9.83 -1.08 -4.37
CA MET A 406 9.89 -1.95 -3.21
C MET A 406 9.87 -3.43 -3.57
N GLN A 407 9.11 -3.78 -4.59
CA GLN A 407 9.01 -5.18 -5.01
C GLN A 407 10.29 -5.69 -5.69
N ASP A 408 11.15 -4.79 -6.12
CA ASP A 408 12.37 -5.23 -6.78
C ASP A 408 13.38 -5.83 -5.79
N ILE A 409 13.03 -5.85 -4.52
CA ILE A 409 13.85 -6.58 -3.55
C ILE A 409 13.90 -8.06 -3.94
N ALA A 410 12.94 -8.51 -4.74
CA ALA A 410 12.90 -9.90 -5.18
C ALA A 410 14.14 -10.29 -5.98
N LEU A 411 14.73 -9.33 -6.66
CA LEU A 411 15.90 -9.59 -7.49
C LEU A 411 17.08 -10.05 -6.63
N LEU A 412 16.99 -9.81 -5.33
CA LEU A 412 18.05 -10.18 -4.41
C LEU A 412 17.95 -11.63 -3.91
N PHE A 413 16.90 -12.34 -4.32
CA PHE A 413 16.68 -13.71 -3.89
C PHE A 413 16.93 -14.70 -5.02
N SER A 414 18.12 -15.29 -5.07
CA SER A 414 18.43 -16.26 -6.12
C SER A 414 17.62 -17.53 -5.91
N GLU A 415 17.26 -18.20 -7.00
CA GLU A 415 16.53 -19.46 -6.92
C GLU A 415 17.35 -20.54 -6.22
N ASP A 416 18.66 -20.38 -6.23
CA ASP A 416 19.55 -21.36 -5.62
C ASP A 416 19.46 -21.38 -4.10
N ASP A 417 19.26 -20.22 -3.50
CA ASP A 417 19.29 -20.11 -2.04
C ASP A 417 17.94 -19.79 -1.42
N TYR A 418 16.95 -19.47 -2.26
CA TYR A 418 15.65 -19.08 -1.74
C TYR A 418 14.47 -19.55 -2.60
N ARG A 419 13.30 -19.59 -1.98
CA ARG A 419 12.06 -19.92 -2.67
C ARG A 419 11.15 -18.70 -2.72
N VAL A 420 10.85 -18.24 -3.93
CA VAL A 420 10.01 -17.06 -4.13
C VAL A 420 8.82 -17.47 -4.96
N GLY A 421 7.62 -17.23 -4.44
CA GLY A 421 6.43 -17.68 -5.11
C GLY A 421 5.31 -16.66 -5.11
N GLY A 422 4.16 -17.07 -5.63
CA GLY A 422 2.99 -16.23 -5.64
C GLY A 422 1.79 -16.99 -5.11
N THR A 423 0.89 -16.26 -4.46
CA THR A 423 -0.38 -16.81 -4.02
C THR A 423 -1.49 -16.06 -4.75
N VAL A 424 -2.33 -16.80 -5.45
CA VAL A 424 -3.35 -16.18 -6.29
C VAL A 424 -4.70 -16.14 -5.57
N PHE A 425 -5.22 -14.93 -5.40
CA PHE A 425 -6.51 -14.73 -4.73
C PHE A 425 -7.57 -14.28 -5.73
N GLU A 426 -8.83 -14.28 -5.31
CA GLU A 426 -9.92 -13.76 -6.12
C GLU A 426 -9.68 -12.27 -6.40
N ARG A 427 -10.01 -11.82 -7.61
CA ARG A 427 -9.86 -10.41 -7.95
C ARG A 427 -10.62 -9.48 -7.00
N PHE A 428 -11.77 -9.95 -6.52
CA PHE A 428 -12.57 -9.16 -5.58
C PHE A 428 -11.81 -8.74 -4.32
N SER A 429 -10.81 -9.50 -3.91
CA SER A 429 -10.05 -9.21 -2.69
C SER A 429 -9.09 -8.03 -2.88
N TYR A 430 -8.96 -7.59 -4.12
CA TYR A 430 -8.07 -6.48 -4.46
C TYR A 430 -8.92 -5.22 -4.62
N GLN A 431 -8.84 -4.31 -3.65
CA GLN A 431 -9.77 -3.20 -3.56
C GLN A 431 -9.11 -1.82 -3.41
N PRO A 432 -8.11 -1.52 -4.25
CA PRO A 432 -7.42 -0.23 -4.09
C PRO A 432 -8.31 0.95 -4.46
N VAL A 433 -8.10 2.07 -3.79
CA VAL A 433 -8.70 3.34 -4.17
C VAL A 433 -7.58 4.18 -4.77
N LYS A 434 -7.56 4.29 -6.09
CA LYS A 434 -6.42 4.91 -6.75
C LYS A 434 -6.79 5.80 -7.94
N ASN A 435 -8.00 5.68 -8.46
CA ASN A 435 -8.42 6.49 -9.61
C ASN A 435 -9.46 7.53 -9.24
N SER A 436 -9.48 8.64 -9.96
CA SER A 436 -10.53 9.63 -9.80
C SER A 436 -11.80 9.13 -10.47
N LEU A 437 -12.92 9.75 -10.12
CA LEU A 437 -14.21 9.42 -10.72
C LEU A 437 -14.12 9.49 -12.24
N GLU A 438 -13.52 10.58 -12.75
CA GLU A 438 -13.37 10.76 -14.19
C GLU A 438 -12.57 9.63 -14.84
N GLU A 439 -11.43 9.29 -14.24
CA GLU A 439 -10.63 8.18 -14.74
C GLU A 439 -11.41 6.87 -14.71
N ALA A 440 -12.09 6.61 -13.59
CA ALA A 440 -12.87 5.37 -13.47
C ALA A 440 -13.87 5.25 -14.61
N ALA A 441 -14.55 6.35 -14.93
CA ALA A 441 -15.51 6.38 -16.01
C ALA A 441 -14.88 5.91 -17.33
N GLY A 442 -13.74 6.49 -17.67
CA GLY A 442 -13.01 6.09 -18.86
C GLY A 442 -12.62 4.62 -18.79
N LEU A 443 -12.11 4.18 -17.64
CA LEU A 443 -11.66 2.80 -17.49
C LEU A 443 -12.81 1.81 -17.70
N VAL A 444 -13.94 2.07 -17.03
CA VAL A 444 -15.10 1.21 -17.17
C VAL A 444 -15.51 1.12 -18.64
N ALA A 445 -15.50 2.25 -19.33
CA ALA A 445 -15.84 2.28 -20.76
C ALA A 445 -14.97 1.34 -21.59
N GLN A 446 -13.79 1.02 -21.08
CA GLN A 446 -12.84 0.15 -21.77
C GLN A 446 -12.86 -1.26 -21.19
N GLY A 447 -13.82 -1.52 -20.30
CA GLY A 447 -13.95 -2.82 -19.68
C GLY A 447 -12.90 -3.07 -18.61
N ASN A 448 -12.34 -2.00 -18.07
CA ASN A 448 -11.36 -2.12 -16.99
C ASN A 448 -11.97 -1.73 -15.65
N GLY A 449 -11.35 -2.20 -14.56
CA GLY A 449 -11.80 -1.87 -13.22
C GLY A 449 -11.67 -0.39 -12.89
N ALA A 450 -12.65 0.15 -12.18
CA ALA A 450 -12.67 1.56 -11.84
C ALA A 450 -11.64 1.91 -10.76
N TYR A 451 -11.57 1.07 -9.74
CA TYR A 451 -10.67 1.26 -8.60
C TYR A 451 -10.67 2.70 -8.08
N CYS A 452 -11.86 3.25 -7.91
CA CYS A 452 -12.05 4.61 -7.39
C CYS A 452 -12.65 4.53 -5.99
N ALA A 453 -12.95 5.68 -5.38
CA ALA A 453 -13.46 5.68 -4.01
C ALA A 453 -14.86 5.05 -3.90
N ALA A 454 -15.67 5.19 -4.96
CA ALA A 454 -17.01 4.62 -4.96
C ALA A 454 -16.97 3.10 -4.93
N THR A 455 -16.08 2.51 -5.72
CA THR A 455 -16.04 1.05 -5.83
C THR A 455 -15.28 0.47 -4.66
N GLY A 456 -14.35 1.24 -4.08
CA GLY A 456 -13.65 0.80 -2.89
C GLY A 456 -14.61 0.69 -1.72
N GLU A 457 -15.45 1.71 -1.55
CA GLU A 457 -16.40 1.67 -0.46
C GLU A 457 -17.46 0.59 -0.65
N ALA A 458 -17.99 0.48 -1.87
CA ALA A 458 -19.02 -0.52 -2.13
C ALA A 458 -18.48 -1.94 -1.95
N ALA A 459 -17.22 -2.13 -2.35
CA ALA A 459 -16.58 -3.45 -2.24
C ALA A 459 -16.33 -3.82 -0.78
N PHE A 460 -16.04 -2.82 0.05
CA PHE A 460 -15.85 -3.10 1.45
C PHE A 460 -17.14 -3.63 2.10
N TYR A 461 -18.27 -2.98 1.84
CA TYR A 461 -19.55 -3.42 2.39
C TYR A 461 -19.90 -4.82 1.88
N GLU A 462 -19.65 -5.06 0.59
CA GLU A 462 -19.97 -6.34 -0.04
C GLU A 462 -19.07 -7.44 0.53
N LEU A 463 -17.82 -7.08 0.78
CA LEU A 463 -16.89 -8.01 1.40
C LEU A 463 -17.41 -8.48 2.78
N GLN A 464 -17.86 -7.55 3.61
CA GLN A 464 -18.44 -7.93 4.90
C GLN A 464 -19.62 -8.89 4.71
N ARG A 465 -20.47 -8.60 3.73
CA ARG A 465 -21.63 -9.44 3.47
C ARG A 465 -21.24 -10.85 3.02
N ARG A 466 -20.25 -10.97 2.14
CA ARG A 466 -19.84 -12.28 1.67
C ARG A 466 -19.27 -13.12 2.80
N ARG A 467 -18.51 -12.47 3.67
CA ARG A 467 -17.89 -13.15 4.79
C ARG A 467 -18.96 -13.63 5.78
N LEU A 468 -19.94 -12.77 6.05
CA LEU A 468 -21.01 -13.11 6.98
C LEU A 468 -21.91 -14.21 6.41
N LYS A 469 -22.17 -14.17 5.10
CA LYS A 469 -22.95 -15.26 4.49
C LYS A 469 -22.22 -16.59 4.60
N ALA A 470 -20.89 -16.56 4.52
CA ALA A 470 -20.08 -17.78 4.59
C ALA A 470 -20.26 -18.54 5.91
N ILE A 471 -20.61 -17.83 6.99
CA ILE A 471 -20.86 -18.50 8.25
C ILE A 471 -22.34 -18.77 8.50
N GLY A 472 -23.18 -18.53 7.50
CA GLY A 472 -24.60 -18.86 7.59
C GLY A 472 -25.56 -17.72 7.90
N LEU A 473 -25.06 -16.49 7.90
CA LEU A 473 -25.97 -15.35 8.07
C LEU A 473 -26.86 -15.25 6.83
N PRO A 474 -28.18 -15.26 7.01
CA PRO A 474 -29.08 -15.26 5.85
C PRO A 474 -29.34 -13.83 5.37
N LEU A 475 -28.48 -13.34 4.50
CA LEU A 475 -28.61 -12.00 3.94
C LEU A 475 -29.21 -12.10 2.54
N PHE A 476 -30.38 -11.49 2.37
CA PHE A 476 -30.99 -11.42 1.04
C PHE A 476 -31.00 -9.98 0.60
N TYR A 477 -30.43 -9.73 -0.56
CA TYR A 477 -30.36 -8.37 -1.08
C TYR A 477 -30.18 -8.34 -2.57
N SER A 478 -30.67 -7.27 -3.18
CA SER A 478 -30.59 -7.07 -4.61
C SER A 478 -29.14 -6.84 -5.05
N SER A 479 -28.83 -7.23 -6.27
CA SER A 479 -27.52 -6.93 -6.83
C SER A 479 -27.54 -5.65 -7.67
N GLN A 480 -28.72 -5.04 -7.81
CA GLN A 480 -28.84 -3.80 -8.57
C GLN A 480 -28.15 -2.63 -7.85
N PRO A 481 -27.57 -1.69 -8.63
CA PRO A 481 -26.92 -0.51 -8.05
C PRO A 481 -27.95 0.38 -7.38
N GLU A 482 -27.54 1.14 -6.37
CA GLU A 482 -28.47 2.01 -5.65
C GLU A 482 -28.24 3.47 -5.99
N VAL A 483 -27.07 3.77 -6.53
CA VAL A 483 -26.76 5.14 -6.94
C VAL A 483 -25.87 5.04 -8.17
N THR A 484 -25.93 6.02 -9.06
CA THR A 484 -25.02 6.01 -10.20
C THR A 484 -24.11 7.23 -10.13
N VAL A 485 -22.84 7.05 -10.51
CA VAL A 485 -21.86 8.12 -10.37
C VAL A 485 -21.15 8.41 -11.69
N ALA A 486 -20.34 9.47 -11.69
CA ALA A 486 -19.53 9.83 -12.84
C ALA A 486 -20.37 10.11 -14.09
N LYS A 487 -21.35 11.00 -13.94
CA LYS A 487 -22.25 11.33 -15.05
C LYS A 487 -22.98 10.10 -15.58
N ASP A 488 -23.62 9.34 -14.70
CA ASP A 488 -24.36 8.15 -15.08
C ASP A 488 -23.50 7.12 -15.82
N ALA A 489 -22.20 7.13 -15.56
CA ALA A 489 -21.29 6.19 -16.19
C ALA A 489 -21.46 4.78 -15.63
N PHE A 490 -21.44 4.65 -14.31
CA PHE A 490 -21.68 3.36 -13.68
C PHE A 490 -22.37 3.51 -12.33
N GLY A 491 -22.83 2.39 -11.79
CA GLY A 491 -23.52 2.40 -10.52
C GLY A 491 -22.81 1.54 -9.48
N VAL A 492 -23.11 1.80 -8.21
CA VAL A 492 -22.71 0.91 -7.14
C VAL A 492 -23.87 0.76 -6.19
N ARG A 493 -23.87 -0.29 -5.39
CA ARG A 493 -24.80 -0.38 -4.29
C ARG A 493 -24.02 -0.45 -3.00
N LEU A 494 -24.68 -0.06 -1.91
CA LEU A 494 -24.00 0.00 -0.62
C LEU A 494 -24.64 -0.93 0.39
N PHE A 495 -25.97 -1.04 0.34
CA PHE A 495 -26.73 -1.70 1.40
C PHE A 495 -26.94 -3.19 1.13
N PRO A 496 -27.12 -3.99 2.19
CA PRO A 496 -27.12 -3.54 3.59
C PRO A 496 -25.70 -3.30 4.10
N ILE A 497 -25.56 -2.25 4.91
CA ILE A 497 -24.28 -1.87 5.46
C ILE A 497 -24.08 -2.57 6.81
N ILE A 498 -23.00 -3.34 6.92
CA ILE A 498 -22.69 -4.04 8.17
C ILE A 498 -21.22 -3.88 8.50
N VAL A 499 -20.92 -3.16 9.58
CA VAL A 499 -19.54 -2.85 9.93
C VAL A 499 -19.25 -3.20 11.39
N LEU A 500 -18.39 -4.19 11.58
CA LEU A 500 -18.02 -4.65 12.91
C LEU A 500 -16.61 -4.18 13.24
N ASP A 501 -16.41 -3.64 14.44
CA ASP A 501 -15.07 -3.14 14.79
C ASP A 501 -14.14 -4.28 15.23
N THR A 502 -12.87 -3.98 15.50
CA THR A 502 -11.89 -5.04 15.75
C THR A 502 -12.08 -5.71 17.11
N VAL A 503 -12.72 -5.01 18.04
CA VAL A 503 -13.00 -5.61 19.32
C VAL A 503 -14.12 -6.62 19.14
N CYS A 504 -15.09 -6.28 18.31
CA CYS A 504 -16.22 -7.16 18.05
C CYS A 504 -15.80 -8.36 17.23
N ALA A 505 -15.16 -8.10 16.09
CA ALA A 505 -14.89 -9.13 15.09
C ALA A 505 -13.48 -9.72 15.20
N SER A 506 -12.67 -9.16 16.09
CA SER A 506 -11.31 -9.68 16.31
C SER A 506 -10.52 -9.61 15.00
N SER A 507 -9.93 -10.72 14.57
CA SER A 507 -9.12 -10.73 13.35
C SER A 507 -9.95 -10.71 12.06
N GLY A 508 -11.25 -10.96 12.18
CA GLY A 508 -12.10 -11.05 11.01
C GLY A 508 -12.11 -12.42 10.32
N SER A 509 -11.39 -13.38 10.88
CA SER A 509 -11.48 -14.74 10.37
C SER A 509 -12.95 -15.20 10.43
N LEU A 510 -13.29 -16.23 9.68
CA LEU A 510 -14.67 -16.75 9.72
C LEU A 510 -15.05 -17.27 11.11
N ASP A 511 -14.12 -17.95 11.78
CA ASP A 511 -14.38 -18.42 13.15
C ASP A 511 -14.66 -17.24 14.09
N ASP A 512 -13.90 -16.16 13.93
CA ASP A 512 -14.11 -14.96 14.74
C ASP A 512 -15.46 -14.32 14.44
N LEU A 513 -15.88 -14.35 13.18
CA LEU A 513 -17.20 -13.83 12.84
C LEU A 513 -18.29 -14.71 13.45
N ALA A 514 -18.04 -16.02 13.49
CA ALA A 514 -19.01 -16.95 14.05
C ALA A 514 -19.17 -16.75 15.56
N ARG A 515 -18.17 -16.15 16.19
N ARG A 515 -18.18 -16.14 16.19
CA ARG A 515 -18.26 -15.81 17.61
CA ARG A 515 -18.28 -15.82 17.62
C ARG A 515 -19.29 -14.71 17.81
C ARG A 515 -19.18 -14.62 17.87
N VAL A 516 -19.37 -13.80 16.85
CA VAL A 516 -20.30 -12.68 16.96
C VAL A 516 -21.72 -13.14 16.70
N PHE A 517 -21.86 -14.13 15.81
CA PHE A 517 -23.18 -14.67 15.46
C PHE A 517 -23.24 -16.18 15.67
N PRO A 518 -23.44 -16.61 16.92
CA PRO A 518 -23.41 -18.03 17.30
C PRO A 518 -24.58 -18.83 16.71
N THR A 519 -25.70 -18.15 16.46
CA THR A 519 -26.88 -18.75 15.87
C THR A 519 -27.40 -17.85 14.74
N PRO A 520 -26.66 -17.84 13.61
CA PRO A 520 -26.80 -16.91 12.48
C PRO A 520 -28.20 -16.92 11.87
N GLU A 521 -28.81 -18.09 11.86
CA GLU A 521 -30.13 -18.27 11.26
C GLU A 521 -31.21 -17.47 11.99
N LYS A 522 -30.90 -16.98 13.18
CA LYS A 522 -31.87 -16.17 13.92
C LYS A 522 -31.65 -14.67 13.74
N VAL A 523 -30.74 -14.30 12.84
CA VAL A 523 -30.44 -12.90 12.61
C VAL A 523 -30.91 -12.49 11.22
N HIS A 524 -31.87 -11.58 11.18
CA HIS A 524 -32.50 -11.22 9.91
C HIS A 524 -32.36 -9.73 9.61
N ILE A 525 -31.43 -9.41 8.73
CA ILE A 525 -31.12 -8.04 8.39
C ILE A 525 -31.64 -7.70 7.00
N ASP A 526 -32.63 -6.82 6.96
CA ASP A 526 -33.24 -6.42 5.69
C ASP A 526 -32.21 -5.73 4.79
N GLN A 527 -32.40 -5.88 3.49
CA GLN A 527 -31.45 -5.38 2.50
C GLN A 527 -31.20 -3.88 2.58
N HIS A 528 -32.11 -3.14 3.18
CA HIS A 528 -31.95 -1.68 3.29
C HIS A 528 -31.36 -1.23 4.62
N SER A 529 -30.97 -2.19 5.45
CA SER A 529 -30.56 -1.90 6.83
C SER A 529 -29.11 -1.49 7.00
N THR A 530 -28.82 -0.94 8.18
CA THR A 530 -27.47 -0.57 8.59
C THR A 530 -27.23 -1.14 9.98
N LEU A 531 -26.20 -1.96 10.11
CA LEU A 531 -25.82 -2.51 11.41
C LEU A 531 -24.37 -2.16 11.73
N ILE A 532 -24.17 -1.31 12.72
CA ILE A 532 -22.83 -0.95 13.18
C ILE A 532 -22.60 -1.52 14.57
N VAL A 533 -21.50 -2.25 14.74
CA VAL A 533 -21.21 -2.90 16.01
C VAL A 533 -19.82 -2.55 16.53
N GLU A 534 -19.78 -2.04 17.76
CA GLU A 534 -18.53 -1.66 18.40
C GLU A 534 -18.38 -2.39 19.72
N GLY A 535 -17.19 -2.91 19.97
CA GLY A 535 -16.90 -3.53 21.25
C GLY A 535 -17.27 -4.99 21.35
N ARG A 536 -17.16 -5.50 22.57
CA ARG A 536 -17.35 -6.91 22.85
C ARG A 536 -18.84 -7.23 22.82
N VAL A 537 -19.33 -7.60 21.64
CA VAL A 537 -20.75 -7.81 21.42
C VAL A 537 -21.02 -9.18 20.81
N ILE A 538 -22.10 -9.82 21.25
CA ILE A 538 -22.53 -11.09 20.68
C ILE A 538 -23.99 -10.94 20.28
N ILE A 539 -24.32 -11.23 19.02
CA ILE A 539 -25.69 -11.10 18.55
C ILE A 539 -26.27 -12.49 18.25
N GLU A 540 -27.14 -12.95 19.13
CA GLU A 540 -27.77 -14.26 19.01
C GLU A 540 -28.99 -14.23 18.10
N SER A 541 -29.80 -13.19 18.25
CA SER A 541 -31.05 -13.09 17.50
C SER A 541 -31.47 -11.63 17.34
N LEU A 542 -31.86 -11.26 16.13
CA LEU A 542 -32.15 -9.88 15.80
C LEU A 542 -32.97 -9.78 14.52
N GLU A 543 -34.00 -8.95 14.55
CA GLU A 543 -34.76 -8.57 13.37
C GLU A 543 -34.50 -7.08 13.13
N LEU A 544 -33.83 -6.75 12.02
CA LEU A 544 -33.45 -5.35 11.77
C LEU A 544 -34.02 -4.81 10.46
N TYR A 545 -34.88 -3.81 10.57
CA TYR A 545 -35.41 -3.08 9.43
C TYR A 545 -35.13 -1.61 9.63
N GLY A 546 -33.89 -1.20 9.39
CA GLY A 546 -33.48 0.16 9.68
C GLY A 546 -32.02 0.22 10.09
N ALA A 547 -31.67 1.25 10.85
CA ALA A 547 -30.28 1.43 11.27
C ALA A 547 -30.15 1.20 12.77
N LEU A 548 -29.10 0.47 13.16
CA LEU A 548 -28.85 0.13 14.54
C LEU A 548 -27.36 0.14 14.83
N THR A 549 -26.99 0.71 15.97
CA THR A 549 -25.65 0.63 16.50
C THR A 549 -25.68 -0.12 17.82
N ILE A 550 -24.83 -1.14 17.96
CA ILE A 550 -24.73 -1.86 19.22
C ILE A 550 -23.35 -1.63 19.80
N ARG A 551 -23.29 -1.18 21.04
CA ARG A 551 -22.01 -0.90 21.67
C ARG A 551 -21.78 -1.80 22.87
N GLY A 552 -20.61 -2.40 22.94
CA GLY A 552 -20.25 -3.22 24.09
C GLY A 552 -18.96 -2.71 24.69
N PRO A 553 -18.45 -3.40 25.72
CA PRO A 553 -17.19 -3.05 26.38
C PRO A 553 -16.07 -2.89 25.37
N THR A 554 -15.27 -1.84 25.52
CA THR A 554 -14.12 -1.60 24.64
C THR A 554 -12.97 -2.56 24.97
N ASP A 555 -13.09 -3.25 26.08
CA ASP A 555 -12.07 -4.22 26.50
C ASP A 555 -12.42 -5.61 25.98
N SER A 556 -11.55 -6.17 25.14
CA SER A 556 -11.82 -7.47 24.52
C SER A 556 -11.98 -8.60 25.54
N MET A 557 -11.46 -8.39 26.75
CA MET A 557 -11.50 -9.43 27.78
C MET A 557 -12.67 -9.28 28.75
N ALA A 558 -13.45 -8.21 28.59
CA ALA A 558 -14.61 -7.99 29.46
C ALA A 558 -15.77 -8.89 29.05
N LEU A 559 -16.76 -9.03 29.93
CA LEU A 559 -17.94 -9.83 29.62
C LEU A 559 -18.76 -9.20 28.50
N PRO A 560 -19.17 -10.00 27.51
CA PRO A 560 -19.81 -9.49 26.29
C PRO A 560 -21.22 -8.95 26.52
N HIS A 561 -21.58 -7.95 25.73
CA HIS A 561 -22.95 -7.49 25.63
C HIS A 561 -23.67 -8.43 24.67
N VAL A 562 -24.60 -9.22 25.20
CA VAL A 562 -25.32 -10.20 24.39
C VAL A 562 -26.66 -9.65 23.97
N VAL A 563 -26.95 -9.71 22.67
CA VAL A 563 -28.22 -9.26 22.14
C VAL A 563 -29.09 -10.46 21.78
N ARG A 564 -30.28 -10.51 22.37
CA ARG A 564 -31.23 -11.59 22.12
C ARG A 564 -32.63 -11.03 21.89
N ASN A 565 -33.38 -11.68 21.00
CA ASN A 565 -34.75 -11.26 20.69
C ASN A 565 -34.92 -9.77 20.48
N ALA A 566 -33.99 -9.17 19.74
CA ALA A 566 -34.10 -7.75 19.42
C ALA A 566 -34.90 -7.55 18.14
N VAL A 567 -35.75 -6.53 18.14
CA VAL A 567 -36.53 -6.16 16.97
C VAL A 567 -36.44 -4.66 16.81
N VAL A 568 -35.80 -4.22 15.72
CA VAL A 568 -35.54 -2.80 15.50
C VAL A 568 -36.07 -2.38 14.14
N ARG A 569 -36.89 -1.34 14.14
CA ARG A 569 -37.50 -0.81 12.93
C ARG A 569 -37.44 0.71 12.99
N ASN A 570 -36.82 1.32 11.97
CA ASN A 570 -36.82 2.77 11.85
C ASN A 570 -36.58 3.19 10.39
N ALA A 571 -36.53 4.50 10.16
CA ALA A 571 -36.38 5.02 8.80
C ALA A 571 -35.05 4.64 8.18
N GLY A 572 -34.06 4.33 9.03
CA GLY A 572 -32.75 3.91 8.56
C GLY A 572 -31.98 4.96 7.80
N TRP A 573 -31.09 4.51 6.92
CA TRP A 573 -30.26 5.40 6.13
C TRP A 573 -30.61 5.29 4.67
N SER A 574 -30.14 6.24 3.88
CA SER A 574 -30.33 6.20 2.44
C SER A 574 -29.07 6.72 1.75
N VAL A 575 -29.01 6.59 0.43
CA VAL A 575 -27.86 7.08 -0.33
C VAL A 575 -28.32 7.75 -1.61
N HIS A 576 -27.72 8.88 -1.97
CA HIS A 576 -28.03 9.53 -3.24
C HIS A 576 -26.81 10.17 -3.89
N ALA A 577 -26.90 10.34 -5.21
CA ALA A 577 -25.82 10.92 -6.00
C ALA A 577 -25.69 12.40 -5.74
N ILE A 578 -24.45 12.89 -5.79
CA ILE A 578 -24.20 14.32 -5.74
C ILE A 578 -24.60 14.92 -7.09
N LEU A 579 -25.50 15.89 -7.05
CA LEU A 579 -26.01 16.49 -8.28
C LEU A 579 -24.94 17.34 -8.96
N SER A 580 -24.99 17.41 -10.28
CA SER A 580 -24.01 18.17 -11.03
C SER A 580 -24.07 19.65 -10.66
N LEU A 581 -25.25 20.10 -10.27
CA LEU A 581 -25.45 21.49 -9.88
C LEU A 581 -24.43 21.92 -8.83
N CYS A 582 -24.13 21.02 -7.90
CA CYS A 582 -23.18 21.32 -6.82
C CYS A 582 -21.84 21.78 -7.38
N SER A 587 -22.18 24.50 1.32
CA SER A 587 -22.33 23.05 1.22
C SER A 587 -21.36 22.32 2.12
N ARG A 588 -21.85 21.32 2.83
CA ARG A 588 -20.99 20.50 3.68
C ARG A 588 -20.34 19.40 2.86
N LEU A 589 -20.39 19.54 1.54
CA LEU A 589 -19.70 18.59 0.66
C LEU A 589 -18.19 18.79 0.71
N SER A 590 -17.49 17.73 1.05
CA SER A 590 -16.05 17.73 1.15
C SER A 590 -15.49 16.98 -0.04
N GLU A 591 -14.17 17.02 -0.19
CA GLU A 591 -13.46 16.18 -1.15
C GLU A 591 -13.83 14.71 -0.98
N VAL A 592 -13.92 14.25 0.28
CA VAL A 592 -14.29 12.85 0.52
C VAL A 592 -15.60 12.45 -0.14
N ASP A 593 -16.58 13.34 -0.08
CA ASP A 593 -17.85 13.12 -0.75
C ASP A 593 -17.68 13.14 -2.27
N ARG A 594 -17.04 14.19 -2.79
N ARG A 594 -17.04 14.19 -2.77
CA ARG A 594 -16.96 14.38 -4.24
CA ARG A 594 -16.90 14.41 -4.21
C ARG A 594 -16.18 13.29 -4.97
C ARG A 594 -16.23 13.25 -4.94
N ILE A 595 -15.19 12.69 -4.33
CA ILE A 595 -14.40 11.64 -4.98
C ILE A 595 -15.13 10.30 -5.15
N ARG A 596 -16.26 10.13 -4.45
CA ARG A 596 -17.07 8.92 -4.61
C ARG A 596 -18.40 9.21 -5.33
N GLY A 597 -18.83 10.46 -5.34
CA GLY A 597 -19.98 10.88 -6.13
C GLY A 597 -21.35 10.65 -5.49
N PHE A 598 -21.37 10.26 -4.22
CA PHE A 598 -22.63 10.04 -3.52
C PHE A 598 -22.49 10.41 -2.05
N VAL A 599 -23.62 10.50 -1.35
CA VAL A 599 -23.60 10.80 0.07
C VAL A 599 -24.59 9.90 0.81
N LEU A 600 -24.16 9.35 1.94
CA LEU A 600 -25.09 8.66 2.81
C LEU A 600 -25.89 9.68 3.58
N LYS A 601 -27.20 9.47 3.66
CA LYS A 601 -28.05 10.26 4.54
C LYS A 601 -28.36 9.44 5.78
N LYS A 602 -27.82 9.86 6.92
CA LYS A 602 -27.93 9.08 8.15
C LYS A 602 -29.10 9.59 8.97
N THR A 603 -30.30 9.34 8.44
CA THR A 603 -31.52 9.95 8.94
C THR A 603 -31.94 9.47 10.31
N ALA A 604 -31.96 8.16 10.51
CA ALA A 604 -32.37 7.60 11.79
C ALA A 604 -31.36 6.59 12.28
N MET A 605 -31.33 6.36 13.59
CA MET A 605 -30.43 5.39 14.17
C MET A 605 -30.85 4.99 15.57
N ALA A 606 -31.05 3.69 15.77
CA ALA A 606 -31.28 3.16 17.10
C ALA A 606 -29.93 2.83 17.74
N VAL A 607 -29.86 2.97 19.06
CA VAL A 607 -28.63 2.65 19.77
C VAL A 607 -28.89 1.70 20.94
N MET A 608 -28.14 0.61 21.01
CA MET A 608 -28.19 -0.30 22.14
C MET A 608 -26.85 -0.32 22.86
N ASP A 609 -26.78 0.34 24.01
CA ASP A 609 -25.57 0.35 24.83
C ASP A 609 -25.64 -0.71 25.92
N CYS A 610 -24.88 -0.47 27.00
CA CYS A 610 -24.83 -1.37 28.16
C CYS A 610 -26.13 -2.14 28.38
#